data_7XRJ
#
_entry.id   7XRJ
#
_cell.length_a   57.490
_cell.length_b   130.800
_cell.length_c   131.480
_cell.angle_alpha   90.000
_cell.angle_beta   90.000
_cell.angle_gamma   90.000
#
_symmetry.space_group_name_H-M   'I 2 2 2'
#
loop_
_entity.id
_entity.type
_entity.pdbx_description
1 polymer 'Putative NAD-dependent epimerase/dehydratase family protein'
2 non-polymer 'SULFATE ION'
3 water water
#
_entity_poly.entity_id   1
_entity_poly.type   'polypeptide(L)'
_entity_poly.pdbx_seq_one_letter_code
;MIETPYLLFLGDAPDMLAAKVAIGIRDWRPDHAVGQISLPGCGANLGLTEMTLEEAKAAGAKTLVIGVANRGGKISQEWK
KVLVQALEEGFDLASGLHNLLRDEPDLAAVAEATGRTLHDVRVPSVQYPIADGVKRRGKRCLAVGTDCSVGKMYTALAMD
AEMQARGIKSTFRATGQTGILITGDGVPLDAVIADFMAGSIEYLTPDNDDDHWDLIEGQGSLFHVSYSGVTMALVHGGQP
DALILCHEPTRTHMRGLPDYDVPSLEELRDVALPLAQRANKDCKIVGISVNTQHLGEEEAVAYLKEVEGRMGLPAVDPYR
HGAGRLVDALAAVLEHHHHHH
;
_entity_poly.pdbx_strand_id   A
#
# COMPACT_ATOMS: atom_id res chain seq x y z
N ILE A 2 10.99 9.39 -2.22
CA ILE A 2 11.81 9.16 -1.04
C ILE A 2 13.15 8.51 -1.40
N GLU A 3 14.25 9.17 -1.04
CA GLU A 3 15.57 8.62 -1.32
C GLU A 3 15.76 7.31 -0.56
N THR A 4 16.09 6.26 -1.28
CA THR A 4 16.44 4.98 -0.68
C THR A 4 17.96 4.82 -0.66
N PRO A 5 18.51 3.97 0.21
CA PRO A 5 17.86 3.12 1.23
C PRO A 5 17.59 3.86 2.53
N TYR A 6 16.95 3.18 3.47
CA TYR A 6 16.44 3.82 4.68
C TYR A 6 17.19 3.39 5.92
N LEU A 7 17.15 4.25 6.92
CA LEU A 7 17.28 3.85 8.31
C LEU A 7 15.88 3.81 8.93
N LEU A 8 15.53 2.69 9.55
CA LEU A 8 14.18 2.47 10.05
C LEU A 8 14.10 2.91 11.51
N PHE A 9 13.39 4.00 11.75
CA PHE A 9 13.19 4.51 13.11
C PHE A 9 12.14 3.68 13.82
N LEU A 10 12.49 3.12 14.98
CA LEU A 10 11.54 2.34 15.77
C LEU A 10 11.08 3.09 17.01
N GLY A 11 11.70 4.21 17.33
CA GLY A 11 11.30 5.01 18.47
C GLY A 11 11.32 4.20 19.76
N ASP A 12 10.30 4.39 20.57
CA ASP A 12 10.12 3.62 21.80
C ASP A 12 8.94 2.69 21.69
N ALA A 13 8.64 2.22 20.48
CA ALA A 13 7.52 1.33 20.30
C ALA A 13 7.66 0.15 21.25
N PRO A 14 6.63 -0.19 22.02
CA PRO A 14 6.80 -1.23 23.06
C PRO A 14 6.84 -2.66 22.52
N ASP A 15 6.34 -2.91 21.32
CA ASP A 15 6.40 -4.25 20.73
C ASP A 15 6.14 -4.16 19.22
N MET A 16 5.95 -5.31 18.58
CA MET A 16 5.81 -5.35 17.13
C MET A 16 4.45 -4.84 16.66
N LEU A 17 3.51 -4.62 17.58
CA LEU A 17 2.17 -4.18 17.18
C LEU A 17 2.22 -2.80 16.55
N ALA A 18 3.06 -1.91 17.08
CA ALA A 18 3.18 -0.56 16.57
C ALA A 18 4.05 -0.47 15.31
N ALA A 19 4.67 -1.56 14.86
CA ALA A 19 5.73 -1.49 13.84
C ALA A 19 5.31 -2.03 12.47
N LYS A 20 4.03 -1.92 12.13
CA LYS A 20 3.54 -2.45 10.85
C LYS A 20 4.33 -1.89 9.66
N VAL A 21 4.61 -0.59 9.64
CA VAL A 21 5.34 0.00 8.52
C VAL A 21 6.76 -0.58 8.44
N ALA A 22 7.47 -0.59 9.58
CA ALA A 22 8.82 -1.14 9.58
C ALA A 22 8.83 -2.60 9.15
N ILE A 23 7.87 -3.39 9.64
CA ILE A 23 7.75 -4.79 9.22
C ILE A 23 7.50 -4.87 7.71
N GLY A 24 6.59 -4.04 7.19
CA GLY A 24 6.30 -4.06 5.78
C GLY A 24 7.53 -3.77 4.93
N ILE A 25 8.34 -2.80 5.33
CA ILE A 25 9.57 -2.52 4.60
C ILE A 25 10.51 -3.72 4.68
N ARG A 26 10.72 -4.22 5.89
CA ARG A 26 11.64 -5.33 6.07
C ARG A 26 11.23 -6.55 5.25
N ASP A 27 9.92 -6.87 5.23
CA ASP A 27 9.45 -8.10 4.59
C ASP A 27 9.34 -7.96 3.08
N TRP A 28 8.94 -6.80 2.58
CA TRP A 28 8.60 -6.62 1.18
C TRP A 28 9.68 -5.92 0.37
N ARG A 29 10.49 -5.06 0.98
CA ARG A 29 11.59 -4.39 0.29
C ARG A 29 12.79 -4.35 1.23
N PRO A 30 13.36 -5.53 1.55
CA PRO A 30 14.48 -5.56 2.49
C PRO A 30 15.68 -4.77 2.00
N ASP A 31 15.85 -4.60 0.69
CA ASP A 31 16.97 -3.83 0.16
C ASP A 31 16.81 -2.33 0.37
N HIS A 32 15.63 -1.86 0.76
CA HIS A 32 15.41 -0.45 1.05
C HIS A 32 15.78 -0.07 2.48
N ALA A 33 16.18 -1.04 3.30
CA ALA A 33 16.52 -0.80 4.71
C ALA A 33 17.94 -1.29 4.97
N VAL A 34 18.80 -0.40 5.48
CA VAL A 34 20.14 -0.83 5.87
C VAL A 34 20.22 -1.15 7.35
N GLY A 35 19.24 -0.73 8.13
CA GLY A 35 19.30 -0.91 9.58
C GLY A 35 18.13 -0.24 10.25
N GLN A 36 18.15 -0.30 11.57
CA GLN A 36 17.13 0.25 12.44
C GLN A 36 17.81 1.09 13.51
N ILE A 37 17.03 2.02 14.08
CA ILE A 37 17.46 2.79 15.23
C ILE A 37 16.32 2.81 16.24
N SER A 38 16.64 2.46 17.48
CA SER A 38 15.64 2.28 18.54
C SER A 38 15.98 3.26 19.66
N LEU A 39 14.97 3.78 20.30
CA LEU A 39 15.14 4.58 21.49
C LEU A 39 15.16 3.69 22.71
N PRO A 40 15.64 4.19 23.85
CA PRO A 40 15.60 3.37 25.07
C PRO A 40 14.17 3.01 25.42
N GLY A 41 13.96 1.76 25.80
CA GLY A 41 12.64 1.28 26.11
C GLY A 41 11.93 0.65 24.95
N CYS A 42 12.54 0.66 23.76
CA CYS A 42 11.93 0.05 22.58
C CYS A 42 11.89 -1.45 22.74
N GLY A 43 10.77 -2.05 22.39
CA GLY A 43 10.66 -3.48 22.46
C GLY A 43 10.32 -4.12 21.12
N ALA A 44 10.36 -3.33 20.04
CA ALA A 44 10.10 -3.86 18.71
C ALA A 44 11.38 -4.50 18.18
N ASN A 45 11.50 -5.82 18.34
CA ASN A 45 12.69 -6.54 17.88
C ASN A 45 12.56 -6.86 16.39
N LEU A 46 12.72 -5.81 15.59
CA LEU A 46 12.52 -5.94 14.16
C LEU A 46 13.56 -6.86 13.51
N GLY A 47 14.75 -6.96 14.12
CA GLY A 47 15.75 -7.92 13.68
C GLY A 47 16.79 -7.40 12.73
N LEU A 48 16.80 -6.10 12.42
CA LEU A 48 17.80 -5.52 11.54
C LEU A 48 19.00 -5.04 12.38
N THR A 49 20.07 -4.65 11.68
CA THR A 49 21.26 -4.15 12.37
C THR A 49 20.92 -2.84 13.08
N GLU A 50 21.07 -2.82 14.40
CA GLU A 50 20.90 -1.60 15.19
C GLU A 50 22.06 -0.67 14.91
N MET A 51 21.78 0.52 14.37
CA MET A 51 22.81 1.46 13.97
C MET A 51 22.57 2.81 14.61
N THR A 52 23.67 3.52 14.93
CA THR A 52 23.60 4.95 15.18
C THR A 52 23.39 5.69 13.86
N LEU A 53 23.00 6.96 13.97
CA LEU A 53 22.80 7.78 12.77
C LEU A 53 24.06 7.81 11.93
N GLU A 54 25.20 8.05 12.56
CA GLU A 54 26.47 8.10 11.85
C GLU A 54 26.81 6.76 11.20
N GLU A 55 26.55 5.65 11.90
CA GLU A 55 26.80 4.36 11.27
C GLU A 55 25.87 4.12 10.08
N ALA A 56 24.59 4.47 10.23
CA ALA A 56 23.66 4.30 9.12
C ALA A 56 24.03 5.19 7.94
N LYS A 57 24.44 6.43 8.20
CA LYS A 57 24.91 7.30 7.13
C LYS A 57 26.07 6.66 6.38
N ALA A 58 27.08 6.17 7.12
CA ALA A 58 28.22 5.53 6.47
C ALA A 58 27.79 4.28 5.69
N ALA A 59 26.73 3.60 6.14
CA ALA A 59 26.28 2.43 5.41
C ALA A 59 25.43 2.78 4.18
N GLY A 60 25.18 4.07 3.94
CA GLY A 60 24.47 4.49 2.75
C GLY A 60 23.02 4.88 2.94
N ALA A 61 22.52 4.93 4.16
CA ALA A 61 21.15 5.34 4.38
C ALA A 61 20.97 6.82 4.03
N LYS A 62 19.87 7.12 3.34
CA LYS A 62 19.56 8.47 2.90
C LYS A 62 18.41 9.11 3.65
N THR A 63 17.52 8.30 4.22
CA THR A 63 16.28 8.77 4.79
C THR A 63 16.00 8.04 6.07
N LEU A 64 15.76 8.76 7.16
CA LEU A 64 15.23 8.17 8.36
C LEU A 64 13.72 8.05 8.18
N VAL A 65 13.22 6.83 8.22
CA VAL A 65 11.81 6.52 7.98
C VAL A 65 11.16 6.15 9.31
N ILE A 66 10.08 6.84 9.66
CA ILE A 66 9.36 6.50 10.87
C ILE A 66 8.57 5.22 10.62
N GLY A 67 9.01 4.12 11.21
CA GLY A 67 8.44 2.81 10.98
C GLY A 67 7.46 2.34 12.03
N VAL A 68 7.15 3.16 13.03
CA VAL A 68 6.26 2.77 14.10
C VAL A 68 5.12 3.78 14.20
N ALA A 69 4.01 3.32 14.77
CA ALA A 69 2.86 4.17 14.97
C ALA A 69 3.13 5.19 16.07
N ASN A 70 2.41 6.29 16.06
CA ASN A 70 2.55 7.31 17.08
C ASN A 70 1.37 7.20 18.00
N ARG A 71 0.19 7.60 17.59
CA ARG A 71 -1.08 7.48 18.36
C ARG A 71 -2.09 8.40 17.68
N GLY A 72 -1.59 9.29 16.83
CA GLY A 72 -2.43 10.26 16.18
C GLY A 72 -2.39 11.47 17.08
N GLY A 73 -1.41 11.57 17.97
CA GLY A 73 -1.44 12.65 18.97
C GLY A 73 -0.49 13.80 18.82
N LYS A 74 0.74 13.61 19.23
CA LYS A 74 1.74 14.63 19.05
C LYS A 74 3.10 13.97 18.92
N ILE A 75 3.97 14.52 18.10
CA ILE A 75 5.28 14.00 17.97
C ILE A 75 6.02 14.43 19.19
N SER A 76 6.40 13.45 20.00
CA SER A 76 7.04 13.75 21.26
C SER A 76 8.40 14.43 21.07
N GLN A 77 8.82 15.17 22.09
CA GLN A 77 10.14 15.78 22.05
C GLN A 77 11.24 14.72 22.04
N GLU A 78 11.01 13.57 22.68
CA GLU A 78 12.00 12.51 22.59
C GLU A 78 12.20 12.07 21.14
N TRP A 79 11.12 11.96 20.38
CA TRP A 79 11.24 11.60 18.98
C TRP A 79 11.93 12.70 18.19
N LYS A 80 11.47 13.95 18.35
CA LYS A 80 12.05 15.05 17.58
C LYS A 80 13.54 15.20 17.87
N LYS A 81 13.97 14.85 19.08
CA LYS A 81 15.40 14.94 19.37
C LYS A 81 16.21 14.07 18.42
N VAL A 82 15.72 12.85 18.15
CA VAL A 82 16.39 11.99 17.16
C VAL A 82 16.17 12.51 15.74
N LEU A 83 14.95 12.96 15.42
CA LEU A 83 14.65 13.43 14.06
C LEU A 83 15.50 14.64 13.70
N VAL A 84 15.56 15.64 14.59
CA VAL A 84 16.44 16.81 14.40
C VAL A 84 17.89 16.36 14.16
N GLN A 85 18.38 15.45 15.00
CA GLN A 85 19.76 15.01 14.85
C GLN A 85 19.99 14.31 13.51
N ALA A 86 19.01 13.53 13.07
CA ALA A 86 19.10 12.91 11.75
C ALA A 86 19.21 13.94 10.64
N LEU A 87 18.38 15.00 10.71
CA LEU A 87 18.49 16.06 9.71
C LEU A 87 19.88 16.66 9.71
N GLU A 88 20.39 16.99 10.90
CA GLU A 88 21.71 17.60 11.03
C GLU A 88 22.81 16.66 10.60
N GLU A 89 22.54 15.35 10.66
CA GLU A 89 23.47 14.34 10.20
C GLU A 89 23.38 14.08 8.71
N GLY A 90 22.43 14.69 8.00
CA GLY A 90 22.32 14.53 6.56
C GLY A 90 21.20 13.62 6.08
N PHE A 91 20.29 13.21 6.95
CA PHE A 91 19.17 12.36 6.56
C PHE A 91 17.97 13.23 6.16
N ASP A 92 17.31 12.84 5.08
CA ASP A 92 15.92 13.25 4.92
C ASP A 92 15.08 12.52 5.96
N LEU A 93 13.85 12.97 6.16
CA LEU A 93 12.90 12.28 7.00
C LEU A 93 11.69 11.88 6.16
N ALA A 94 11.08 10.74 6.50
CA ALA A 94 9.84 10.32 5.86
C ALA A 94 8.92 9.74 6.91
N SER A 95 7.64 10.11 6.84
CA SER A 95 6.69 9.77 7.88
C SER A 95 5.30 9.66 7.28
N GLY A 96 4.57 8.64 7.69
CA GLY A 96 3.20 8.50 7.24
C GLY A 96 2.20 8.77 8.35
N LEU A 97 2.62 9.48 9.40
CA LEU A 97 1.78 9.73 10.57
C LEU A 97 0.66 10.74 10.27
N HIS A 98 -0.33 10.79 11.18
CA HIS A 98 -1.39 11.78 11.06
C HIS A 98 -0.84 13.19 11.28
N ASN A 99 0.01 13.34 12.27
CA ASN A 99 0.68 14.61 12.49
C ASN A 99 1.82 14.78 11.51
N LEU A 100 1.91 15.95 10.92
CA LEU A 100 2.88 16.17 9.86
C LEU A 100 4.18 16.70 10.43
N LEU A 101 5.29 16.18 9.94
CA LEU A 101 6.60 16.68 10.35
C LEU A 101 6.71 18.17 10.07
N ARG A 102 6.16 18.62 8.92
CA ARG A 102 6.33 20.02 8.57
C ARG A 102 5.46 20.94 9.42
N ASP A 103 4.55 20.41 10.22
CA ASP A 103 3.85 21.21 11.20
C ASP A 103 4.60 21.30 12.52
N GLU A 104 5.78 20.71 12.61
CA GLU A 104 6.67 20.93 13.74
C GLU A 104 7.64 22.04 13.34
N PRO A 105 7.51 23.24 13.90
CA PRO A 105 8.35 24.35 13.43
C PRO A 105 9.84 24.08 13.56
N ASP A 106 10.27 23.29 14.55
CA ASP A 106 11.69 22.97 14.64
C ASP A 106 12.11 22.05 13.50
N LEU A 107 11.31 21.03 13.19
CA LEU A 107 11.68 20.15 12.10
C LEU A 107 11.69 20.90 10.78
N ALA A 108 10.69 21.77 10.56
CA ALA A 108 10.65 22.53 9.32
C ALA A 108 11.85 23.47 9.20
N ALA A 109 12.22 24.13 10.29
CA ALA A 109 13.32 25.08 10.20
C ALA A 109 14.67 24.36 10.08
N VAL A 110 14.87 23.27 10.81
CA VAL A 110 16.10 22.49 10.64
C VAL A 110 16.19 21.93 9.22
N ALA A 111 15.08 21.40 8.70
CA ALA A 111 15.09 20.90 7.33
C ALA A 111 15.51 21.98 6.33
N GLU A 112 14.98 23.20 6.51
CA GLU A 112 15.31 24.31 5.60
C GLU A 112 16.78 24.70 5.74
N ALA A 113 17.32 24.72 6.97
CA ALA A 113 18.70 25.15 7.16
C ALA A 113 19.70 24.15 6.64
N THR A 114 19.39 22.85 6.76
CA THR A 114 20.29 21.79 6.33
C THR A 114 20.12 21.42 4.85
N GLY A 115 19.08 21.92 4.18
CA GLY A 115 18.81 21.49 2.83
C GLY A 115 18.22 20.10 2.70
N ARG A 116 17.65 19.57 3.77
CA ARG A 116 17.06 18.24 3.74
C ARG A 116 15.55 18.34 3.58
N THR A 117 14.92 17.21 3.23
CA THR A 117 13.52 17.18 2.87
C THR A 117 12.71 16.43 3.92
N LEU A 118 11.54 16.96 4.25
CA LEU A 118 10.55 16.24 5.04
C LEU A 118 9.51 15.64 4.10
N HIS A 119 9.39 14.32 4.13
CA HIS A 119 8.42 13.61 3.30
C HIS A 119 7.25 13.22 4.21
N ASP A 120 6.22 14.06 4.24
CA ASP A 120 4.97 13.73 4.92
C ASP A 120 4.12 13.02 3.88
N VAL A 121 4.29 11.70 3.77
CA VAL A 121 3.74 10.96 2.63
C VAL A 121 2.24 10.72 2.75
N ARG A 122 1.63 11.02 3.90
CA ARG A 122 0.19 10.81 4.04
C ARG A 122 -0.65 11.83 3.28
N VAL A 123 -0.10 13.00 2.95
CA VAL A 123 -0.84 14.05 2.23
C VAL A 123 -0.08 14.39 0.95
N PRO A 124 -0.78 14.82 -0.10
CA PRO A 124 -0.10 15.10 -1.37
C PRO A 124 1.00 16.15 -1.20
N SER A 125 2.04 16.01 -2.03
CA SER A 125 3.10 17.00 -2.12
C SER A 125 3.39 17.38 -3.56
N VAL A 126 2.61 16.87 -4.51
CA VAL A 126 2.68 17.32 -5.90
C VAL A 126 1.25 17.55 -6.36
N GLN A 127 1.09 18.41 -7.35
CA GLN A 127 -0.24 18.74 -7.86
C GLN A 127 -0.63 17.71 -8.92
N TYR A 128 -1.73 17.05 -8.70
CA TYR A 128 -2.21 16.10 -9.68
C TYR A 128 -3.18 16.79 -10.63
N PRO A 129 -3.25 16.35 -11.89
CA PRO A 129 -4.20 16.95 -12.83
C PRO A 129 -5.57 16.29 -12.75
N ILE A 130 -6.49 16.82 -13.51
CA ILE A 130 -7.77 16.17 -13.75
C ILE A 130 -7.56 15.06 -14.76
N ALA A 131 -8.13 13.88 -14.49
CA ALA A 131 -7.93 12.74 -15.38
C ALA A 131 -8.42 13.06 -16.79
N ASP A 132 -7.75 12.49 -17.80
CA ASP A 132 -8.18 12.66 -19.18
C ASP A 132 -8.73 11.38 -19.80
N GLY A 133 -8.67 10.25 -19.10
CA GLY A 133 -9.22 9.02 -19.62
C GLY A 133 -8.56 8.48 -20.88
N VAL A 134 -7.50 9.12 -21.37
CA VAL A 134 -6.80 8.64 -22.55
C VAL A 134 -6.18 7.27 -22.28
N LYS A 135 -6.23 6.37 -23.27
CA LYS A 135 -5.65 5.04 -23.09
C LYS A 135 -4.14 5.13 -22.92
N ARG A 136 -3.62 4.50 -21.88
CA ARG A 136 -2.20 4.53 -21.56
C ARG A 136 -1.54 3.20 -21.91
N ARG A 137 -0.36 3.27 -22.49
CA ARG A 137 0.37 2.05 -22.81
C ARG A 137 0.74 1.32 -21.54
N GLY A 138 0.80 0.00 -21.63
CA GLY A 138 1.10 -0.86 -20.50
C GLY A 138 -0.15 -1.49 -19.93
N LYS A 139 0.05 -2.46 -19.04
CA LYS A 139 -1.04 -3.19 -18.43
C LYS A 139 -1.17 -2.82 -16.96
N ARG A 140 -2.41 -2.90 -16.45
CA ARG A 140 -2.77 -2.39 -15.14
C ARG A 140 -3.72 -3.35 -14.44
N CYS A 141 -3.35 -3.77 -13.24
CA CYS A 141 -4.17 -4.69 -12.46
C CYS A 141 -4.62 -3.99 -11.18
N LEU A 142 -5.90 -4.08 -10.88
CA LEU A 142 -6.49 -3.45 -9.70
C LEU A 142 -7.25 -4.48 -8.89
N ALA A 143 -6.98 -4.54 -7.58
CA ALA A 143 -7.79 -5.35 -6.68
C ALA A 143 -8.95 -4.52 -6.15
N VAL A 144 -10.16 -5.07 -6.24
CA VAL A 144 -11.35 -4.47 -5.62
C VAL A 144 -11.95 -5.51 -4.68
N GLY A 145 -12.57 -5.04 -3.60
CA GLY A 145 -13.04 -5.94 -2.57
C GLY A 145 -14.44 -5.60 -2.11
N THR A 146 -14.98 -6.51 -1.29
CA THR A 146 -16.31 -6.38 -0.74
C THR A 146 -16.36 -5.48 0.50
N ASP A 147 -15.21 -5.08 1.02
CA ASP A 147 -15.08 -4.30 2.26
C ASP A 147 -13.66 -3.76 2.28
N CYS A 148 -13.42 -2.77 3.14
CA CYS A 148 -12.06 -2.39 3.46
C CYS A 148 -11.35 -3.56 4.16
N SER A 149 -10.01 -3.50 4.18
CA SER A 149 -9.17 -4.46 4.89
C SER A 149 -9.58 -5.91 4.57
N VAL A 150 -9.51 -6.24 3.29
CA VAL A 150 -9.78 -7.59 2.82
C VAL A 150 -8.58 -8.20 2.10
N GLY A 151 -7.39 -7.59 2.26
CA GLY A 151 -6.18 -8.12 1.64
C GLY A 151 -5.79 -7.54 0.31
N LYS A 152 -6.33 -6.38 -0.06
CA LYS A 152 -5.99 -5.81 -1.36
C LYS A 152 -4.51 -5.50 -1.48
N MET A 153 -3.93 -4.87 -0.45
CA MET A 153 -2.51 -4.51 -0.49
C MET A 153 -1.64 -5.75 -0.48
N TYR A 154 -1.91 -6.68 0.44
CA TYR A 154 -1.13 -7.92 0.48
C TYR A 154 -1.19 -8.65 -0.85
N THR A 155 -2.39 -8.70 -1.46
CA THR A 155 -2.54 -9.39 -2.73
C THR A 155 -1.69 -8.74 -3.81
N ALA A 156 -1.72 -7.41 -3.89
CA ALA A 156 -0.93 -6.73 -4.91
C ALA A 156 0.56 -6.89 -4.65
N LEU A 157 0.95 -6.86 -3.37
CA LEU A 157 2.36 -7.05 -3.01
C LEU A 157 2.80 -8.48 -3.31
N ALA A 158 1.96 -9.47 -3.00
CA ALA A 158 2.29 -10.85 -3.30
C ALA A 158 2.41 -11.08 -4.79
N MET A 159 1.48 -10.54 -5.59
CA MET A 159 1.58 -10.73 -7.03
C MET A 159 2.84 -10.08 -7.58
N ASP A 160 3.14 -8.85 -7.15
CA ASP A 160 4.34 -8.18 -7.65
C ASP A 160 5.60 -8.95 -7.30
N ALA A 161 5.69 -9.44 -6.06
CA ALA A 161 6.87 -10.19 -5.64
C ALA A 161 7.05 -11.44 -6.50
N GLU A 162 5.95 -12.16 -6.75
CA GLU A 162 6.01 -13.34 -7.61
C GLU A 162 6.45 -12.98 -9.02
N MET A 163 5.82 -11.95 -9.59
CA MET A 163 6.17 -11.53 -10.95
C MET A 163 7.63 -11.12 -11.04
N GLN A 164 8.15 -10.41 -10.02
CA GLN A 164 9.57 -10.05 -10.03
C GLN A 164 10.46 -11.28 -10.03
N ALA A 165 10.13 -12.28 -9.20
CA ALA A 165 10.89 -13.52 -9.20
C ALA A 165 10.82 -14.23 -10.56
N ARG A 166 9.72 -14.06 -11.29
CA ARG A 166 9.55 -14.69 -12.58
C ARG A 166 10.21 -13.93 -13.72
N GLY A 167 10.78 -12.75 -13.46
CA GLY A 167 11.28 -11.94 -14.55
C GLY A 167 10.22 -11.18 -15.32
N ILE A 168 9.01 -11.07 -14.81
CA ILE A 168 7.96 -10.27 -15.43
C ILE A 168 8.13 -8.81 -15.01
N LYS A 169 8.06 -7.90 -15.97
CA LYS A 169 8.16 -6.47 -15.65
C LYS A 169 6.92 -6.04 -14.86
N SER A 170 7.13 -5.51 -13.66
CA SER A 170 6.00 -5.10 -12.84
C SER A 170 6.44 -4.02 -11.87
N THR A 171 5.47 -3.24 -11.40
CA THR A 171 5.68 -2.24 -10.36
C THR A 171 4.50 -2.29 -9.40
N PHE A 172 4.77 -2.31 -8.10
CA PHE A 172 3.69 -2.14 -7.14
C PHE A 172 3.41 -0.65 -6.99
N ARG A 173 2.18 -0.24 -7.28
CA ARG A 173 1.81 1.18 -7.31
C ARG A 173 1.04 1.51 -6.02
N ALA A 174 1.74 2.14 -5.08
CA ALA A 174 1.18 2.45 -3.77
C ALA A 174 0.15 3.57 -3.86
N THR A 175 -0.96 3.40 -3.14
CA THR A 175 -2.02 4.39 -3.04
C THR A 175 -2.25 4.85 -1.60
N GLY A 176 -1.41 4.42 -0.66
CA GLY A 176 -1.53 4.81 0.73
C GLY A 176 -0.17 4.91 1.38
N GLN A 177 -0.16 5.49 2.59
CA GLN A 177 1.11 5.82 3.23
C GLN A 177 1.97 4.59 3.49
N THR A 178 1.36 3.46 3.89
CA THR A 178 2.14 2.25 4.15
C THR A 178 2.85 1.78 2.90
N GLY A 179 2.13 1.70 1.79
CA GLY A 179 2.75 1.27 0.54
C GLY A 179 3.75 2.27 0.01
N ILE A 180 3.52 3.57 0.24
CA ILE A 180 4.48 4.57 -0.20
C ILE A 180 5.78 4.43 0.56
N LEU A 181 5.70 4.27 1.89
CA LEU A 181 6.92 4.07 2.67
C LEU A 181 7.62 2.77 2.29
N ILE A 182 6.86 1.71 2.02
CA ILE A 182 7.47 0.45 1.58
C ILE A 182 8.25 0.63 0.28
N THR A 183 7.63 1.27 -0.72
CA THR A 183 8.26 1.34 -2.04
C THR A 183 9.02 2.63 -2.29
N GLY A 184 8.80 3.66 -1.49
CA GLY A 184 9.47 4.92 -1.72
C GLY A 184 8.76 5.86 -2.70
N ASP A 185 7.63 5.47 -3.26
CA ASP A 185 6.85 6.35 -4.12
C ASP A 185 5.37 5.94 -4.07
N GLY A 186 4.51 6.79 -4.62
CA GLY A 186 3.10 6.50 -4.68
C GLY A 186 2.27 7.76 -4.55
N VAL A 187 0.96 7.56 -4.40
CA VAL A 187 -0.02 8.63 -4.32
C VAL A 187 -0.86 8.38 -3.06
N PRO A 188 -0.97 9.34 -2.15
CA PRO A 188 -1.81 9.10 -0.96
C PRO A 188 -3.27 9.40 -1.23
N LEU A 189 -3.91 8.45 -1.92
CA LEU A 189 -5.21 8.71 -2.53
C LEU A 189 -6.27 9.17 -1.53
N ASP A 190 -6.25 8.62 -0.32
CA ASP A 190 -7.26 8.97 0.69
C ASP A 190 -7.18 10.44 1.09
N ALA A 191 -6.08 11.13 0.78
CA ALA A 191 -5.92 12.54 1.11
C ALA A 191 -5.94 13.45 -0.12
N VAL A 192 -6.25 12.91 -1.30
CA VAL A 192 -6.30 13.73 -2.51
C VAL A 192 -7.65 14.42 -2.60
N ILE A 193 -7.63 15.67 -3.08
CA ILE A 193 -8.86 16.43 -3.26
C ILE A 193 -9.74 15.78 -4.31
N ALA A 194 -11.06 15.75 -4.03
CA ALA A 194 -12.08 15.12 -4.86
C ALA A 194 -11.81 15.15 -6.37
N ASP A 195 -11.66 16.36 -6.94
CA ASP A 195 -11.53 16.48 -8.39
C ASP A 195 -10.24 15.88 -8.95
N PHE A 196 -9.22 15.64 -8.13
CA PHE A 196 -7.93 15.17 -8.62
C PHE A 196 -7.68 13.70 -8.29
N MET A 197 -8.65 13.04 -7.65
CA MET A 197 -8.51 11.64 -7.28
C MET A 197 -8.16 10.78 -8.49
N ALA A 198 -9.04 10.79 -9.50
CA ALA A 198 -8.80 9.96 -10.67
C ALA A 198 -7.53 10.39 -11.40
N GLY A 199 -7.30 11.71 -11.52
CA GLY A 199 -6.09 12.17 -12.16
C GLY A 199 -4.83 11.72 -11.43
N SER A 200 -4.90 11.61 -10.11
CA SER A 200 -3.73 11.18 -9.37
C SER A 200 -3.39 9.72 -9.66
N ILE A 201 -4.41 8.89 -9.91
CA ILE A 201 -4.15 7.49 -10.26
C ILE A 201 -3.65 7.37 -11.70
N GLU A 202 -4.08 8.24 -12.60
CA GLU A 202 -3.47 8.27 -13.93
C GLU A 202 -1.99 8.65 -13.82
N TYR A 203 -1.69 9.63 -12.96
CA TYR A 203 -0.30 10.02 -12.71
C TYR A 203 0.49 8.87 -12.12
N LEU A 204 -0.14 8.08 -11.25
CA LEU A 204 0.51 6.95 -10.59
C LEU A 204 0.88 5.83 -11.57
N THR A 205 0.12 5.68 -12.65
CA THR A 205 0.27 4.54 -13.56
C THR A 205 0.45 5.02 -15.00
N PRO A 206 1.53 5.80 -15.28
CA PRO A 206 1.69 6.39 -16.61
C PRO A 206 2.01 5.38 -17.70
N ASP A 207 2.03 5.85 -18.95
CA ASP A 207 2.54 5.08 -20.08
C ASP A 207 3.75 4.27 -19.68
N ASN A 208 3.73 2.98 -20.00
CA ASN A 208 4.81 2.08 -19.67
C ASN A 208 4.97 1.09 -20.83
N ASP A 209 5.94 0.18 -20.69
CA ASP A 209 6.15 -0.84 -21.71
C ASP A 209 4.90 -1.69 -21.89
N ASP A 210 4.65 -2.11 -23.15
CA ASP A 210 3.48 -2.93 -23.46
C ASP A 210 3.38 -4.15 -22.56
N ASP A 211 4.51 -4.75 -22.17
CA ASP A 211 4.51 -5.95 -21.36
C ASP A 211 4.75 -5.67 -19.88
N HIS A 212 4.59 -4.42 -19.45
CA HIS A 212 4.76 -4.04 -18.05
C HIS A 212 3.41 -4.02 -17.33
N TRP A 213 3.40 -4.51 -16.09
CA TRP A 213 2.22 -4.56 -15.24
C TRP A 213 2.34 -3.57 -14.09
N ASP A 214 1.37 -2.67 -13.97
CA ASP A 214 1.15 -1.95 -12.73
C ASP A 214 0.25 -2.78 -11.82
N LEU A 215 0.72 -3.06 -10.63
CA LEU A 215 -0.11 -3.69 -9.61
C LEU A 215 -0.56 -2.59 -8.68
N ILE A 216 -1.78 -2.10 -8.88
CA ILE A 216 -2.30 -0.95 -8.15
C ILE A 216 -2.86 -1.40 -6.80
N GLU A 217 -2.39 -0.75 -5.73
CA GLU A 217 -2.93 -0.99 -4.39
C GLU A 217 -4.36 -0.45 -4.32
N GLY A 218 -5.32 -1.33 -3.94
CA GLY A 218 -6.69 -0.91 -3.84
C GLY A 218 -6.99 -0.14 -2.56
N GLN A 219 -8.09 0.61 -2.59
CA GLN A 219 -8.57 1.30 -1.40
C GLN A 219 -10.09 1.25 -1.33
N GLY A 220 -10.61 1.25 -0.10
CA GLY A 220 -12.03 1.39 0.14
C GLY A 220 -12.80 0.18 -0.36
N SER A 221 -14.05 0.42 -0.75
CA SER A 221 -14.90 -0.55 -1.41
C SER A 221 -16.05 0.19 -2.08
N LEU A 222 -16.42 -0.26 -3.29
CA LEU A 222 -17.60 0.28 -3.95
C LEU A 222 -18.85 0.13 -3.11
N PHE A 223 -18.86 -0.79 -2.14
CA PHE A 223 -20.02 -1.03 -1.29
C PHE A 223 -19.91 -0.37 0.07
N HIS A 224 -18.83 0.36 0.34
CA HIS A 224 -18.61 1.04 1.61
C HIS A 224 -19.01 2.50 1.45
N VAL A 225 -20.10 2.89 2.11
CA VAL A 225 -20.64 4.23 1.89
C VAL A 225 -19.70 5.33 2.38
N SER A 226 -18.70 5.03 3.21
CA SER A 226 -17.76 6.08 3.58
C SER A 226 -16.66 6.31 2.55
N TYR A 227 -16.30 5.30 1.76
CA TYR A 227 -15.15 5.41 0.87
C TYR A 227 -15.41 5.06 -0.58
N SER A 228 -16.65 4.75 -0.96
CA SER A 228 -16.89 4.21 -2.30
C SER A 228 -16.36 5.13 -3.40
N GLY A 229 -16.34 6.44 -3.18
CA GLY A 229 -15.85 7.35 -4.20
C GLY A 229 -14.35 7.25 -4.41
N VAL A 230 -13.62 6.91 -3.34
CA VAL A 230 -12.20 6.65 -3.49
C VAL A 230 -11.96 5.45 -4.40
N THR A 231 -12.69 4.35 -4.17
CA THR A 231 -12.57 3.18 -5.05
C THR A 231 -12.93 3.53 -6.48
N MET A 232 -14.01 4.29 -6.68
CA MET A 232 -14.42 4.68 -8.02
C MET A 232 -13.28 5.36 -8.77
N ALA A 233 -12.54 6.23 -8.09
CA ALA A 233 -11.43 6.94 -8.74
C ALA A 233 -10.31 5.98 -9.17
N LEU A 234 -10.10 4.90 -8.41
CA LEU A 234 -9.14 3.88 -8.83
C LEU A 234 -9.67 3.12 -10.04
N VAL A 235 -10.94 2.73 -9.98
CA VAL A 235 -11.53 1.93 -11.05
C VAL A 235 -11.44 2.65 -12.39
N HIS A 236 -11.66 3.98 -12.38
CA HIS A 236 -11.61 4.75 -13.62
C HIS A 236 -10.24 5.36 -13.88
N GLY A 237 -9.66 6.01 -12.87
CA GLY A 237 -8.31 6.51 -13.04
C GLY A 237 -7.33 5.41 -13.39
N GLY A 238 -7.57 4.19 -12.93
CA GLY A 238 -6.62 3.11 -13.12
C GLY A 238 -6.74 2.38 -14.44
N GLN A 239 -7.85 2.55 -15.18
CA GLN A 239 -7.96 1.91 -16.49
C GLN A 239 -7.63 0.43 -16.46
N PRO A 240 -8.06 -0.33 -15.45
CA PRO A 240 -7.48 -1.66 -15.26
C PRO A 240 -7.75 -2.56 -16.45
N ASP A 241 -6.72 -3.33 -16.82
CA ASP A 241 -6.92 -4.45 -17.74
C ASP A 241 -7.41 -5.69 -17.02
N ALA A 242 -7.12 -5.80 -15.73
CA ALA A 242 -7.43 -6.98 -14.94
C ALA A 242 -7.90 -6.54 -13.57
N LEU A 243 -8.99 -7.15 -13.10
CA LEU A 243 -9.46 -7.00 -11.74
C LEU A 243 -9.20 -8.29 -10.96
N ILE A 244 -8.76 -8.13 -9.71
CA ILE A 244 -8.75 -9.19 -8.71
C ILE A 244 -9.84 -8.88 -7.69
N LEU A 245 -10.68 -9.87 -7.39
CA LEU A 245 -11.73 -9.67 -6.39
C LEU A 245 -11.18 -10.13 -5.04
N CYS A 246 -11.22 -9.24 -4.05
CA CYS A 246 -10.72 -9.57 -2.72
C CYS A 246 -11.89 -9.62 -1.73
N HIS A 247 -11.76 -10.48 -0.74
CA HIS A 247 -12.89 -10.78 0.12
C HIS A 247 -12.38 -11.50 1.38
N GLU A 248 -13.00 -11.20 2.51
CA GLU A 248 -12.87 -11.97 3.74
C GLU A 248 -14.26 -12.52 4.10
N PRO A 249 -14.41 -13.85 4.28
CA PRO A 249 -15.76 -14.44 4.30
C PRO A 249 -16.44 -14.53 5.67
N THR A 250 -15.73 -14.39 6.78
CA THR A 250 -16.39 -14.61 8.07
C THR A 250 -17.02 -13.35 8.64
N ARG A 251 -16.49 -12.15 8.34
CA ARG A 251 -17.07 -10.93 8.87
C ARG A 251 -18.52 -10.75 8.41
N THR A 252 -19.35 -10.21 9.29
CA THR A 252 -20.77 -10.05 9.02
C THR A 252 -21.18 -8.61 8.74
N HIS A 253 -20.25 -7.66 8.82
CA HIS A 253 -20.55 -6.25 8.58
C HIS A 253 -19.33 -5.56 7.99
N MET A 254 -19.54 -4.37 7.44
CA MET A 254 -18.45 -3.62 6.84
C MET A 254 -17.58 -3.00 7.93
N ARG A 255 -16.39 -2.52 7.51
CA ARG A 255 -15.44 -1.94 8.45
C ARG A 255 -15.99 -0.66 9.05
N GLY A 256 -16.13 -0.64 10.37
CA GLY A 256 -16.69 0.50 11.07
C GLY A 256 -18.17 0.75 10.83
N LEU A 257 -18.86 -0.09 10.05
CA LEU A 257 -20.28 0.06 9.76
C LEU A 257 -21.01 -1.18 10.27
N PRO A 258 -21.34 -1.22 11.56
CA PRO A 258 -21.96 -2.43 12.12
C PRO A 258 -23.25 -2.85 11.45
N ASP A 259 -24.04 -1.91 10.90
CA ASP A 259 -25.35 -2.24 10.35
C ASP A 259 -25.35 -2.35 8.84
N TYR A 260 -24.18 -2.45 8.22
CA TYR A 260 -24.11 -2.69 6.78
C TYR A 260 -23.62 -4.11 6.51
N ASP A 261 -24.44 -4.88 5.78
CA ASP A 261 -24.09 -6.16 5.18
C ASP A 261 -22.76 -6.14 4.46
N VAL A 262 -22.18 -7.30 4.20
CA VAL A 262 -21.08 -7.44 3.26
C VAL A 262 -21.65 -8.06 1.98
N PRO A 263 -21.45 -7.44 0.82
CA PRO A 263 -21.97 -8.02 -0.41
C PRO A 263 -21.24 -9.30 -0.76
N SER A 264 -21.84 -10.08 -1.65
CA SER A 264 -21.18 -11.29 -2.12
C SER A 264 -20.20 -10.95 -3.23
N LEU A 265 -19.39 -11.94 -3.59
CA LEU A 265 -18.47 -11.81 -4.72
C LEU A 265 -19.23 -11.59 -6.03
N GLU A 266 -20.45 -12.15 -6.14
CA GLU A 266 -21.25 -11.99 -7.36
C GLU A 266 -21.66 -10.54 -7.57
N GLU A 267 -22.12 -9.86 -6.52
CA GLU A 267 -22.52 -8.49 -6.76
C GLU A 267 -21.31 -7.56 -6.90
N LEU A 268 -20.20 -7.88 -6.22
CA LEU A 268 -18.96 -7.16 -6.50
C LEU A 268 -18.61 -7.27 -7.98
N ARG A 269 -18.67 -8.49 -8.53
CA ARG A 269 -18.45 -8.70 -9.96
C ARG A 269 -19.42 -7.87 -10.81
N ASP A 270 -20.72 -8.00 -10.52
CA ASP A 270 -21.74 -7.34 -11.34
C ASP A 270 -21.64 -5.82 -11.27
N VAL A 271 -21.23 -5.26 -10.13
CA VAL A 271 -21.15 -3.81 -10.02
C VAL A 271 -19.84 -3.27 -10.58
N ALA A 272 -18.72 -3.95 -10.27
CA ALA A 272 -17.40 -3.37 -10.55
C ALA A 272 -17.03 -3.47 -12.03
N LEU A 273 -17.34 -4.59 -12.69
CA LEU A 273 -16.85 -4.77 -14.05
C LEU A 273 -17.41 -3.74 -15.02
N PRO A 274 -18.72 -3.46 -15.06
CA PRO A 274 -19.20 -2.41 -15.99
C PRO A 274 -18.60 -1.05 -15.71
N LEU A 275 -18.34 -0.73 -14.43
CA LEU A 275 -17.67 0.53 -14.12
C LEU A 275 -16.25 0.54 -14.68
N ALA A 276 -15.51 -0.56 -14.47
CA ALA A 276 -14.15 -0.66 -15.01
C ALA A 276 -14.16 -0.65 -16.54
N GLN A 277 -15.15 -1.27 -17.16
CA GLN A 277 -15.16 -1.33 -18.61
C GLN A 277 -15.37 0.04 -19.24
N ARG A 278 -16.00 0.98 -18.52
CA ARG A 278 -16.14 2.35 -19.01
C ARG A 278 -14.78 2.99 -19.29
N ALA A 279 -13.80 2.77 -18.42
CA ALA A 279 -12.46 3.33 -18.59
C ALA A 279 -11.56 2.44 -19.45
N ASN A 280 -11.83 1.14 -19.52
CA ASN A 280 -11.02 0.22 -20.33
C ASN A 280 -11.97 -0.89 -20.76
N LYS A 281 -12.40 -0.86 -22.03
CA LYS A 281 -13.46 -1.77 -22.47
C LYS A 281 -13.01 -3.23 -22.46
N ASP A 282 -11.71 -3.49 -22.44
CA ASP A 282 -11.20 -4.85 -22.46
C ASP A 282 -11.00 -5.44 -21.08
N CYS A 283 -11.35 -4.70 -20.03
CA CYS A 283 -11.04 -5.15 -18.68
C CYS A 283 -11.76 -6.47 -18.37
N LYS A 284 -11.05 -7.36 -17.70
CA LYS A 284 -11.62 -8.63 -17.29
C LYS A 284 -11.32 -8.88 -15.82
N ILE A 285 -12.24 -9.54 -15.13
CA ILE A 285 -11.95 -10.12 -13.83
C ILE A 285 -11.22 -11.43 -14.06
N VAL A 286 -10.02 -11.57 -13.50
CA VAL A 286 -9.17 -12.72 -13.78
C VAL A 286 -8.98 -13.63 -12.58
N GLY A 287 -9.28 -13.19 -11.36
CA GLY A 287 -9.04 -14.07 -10.25
C GLY A 287 -9.60 -13.49 -8.98
N ILE A 288 -9.61 -14.33 -7.95
CA ILE A 288 -10.22 -14.04 -6.67
C ILE A 288 -9.21 -14.33 -5.58
N SER A 289 -8.99 -13.36 -4.69
CA SER A 289 -8.03 -13.51 -3.60
C SER A 289 -8.78 -13.35 -2.29
N VAL A 290 -8.86 -14.43 -1.52
CA VAL A 290 -9.67 -14.48 -0.31
C VAL A 290 -8.76 -14.62 0.91
N ASN A 291 -9.05 -13.86 1.95
CA ASN A 291 -8.37 -14.02 3.24
C ASN A 291 -9.13 -15.09 4.02
N THR A 292 -8.58 -16.31 4.06
CA THR A 292 -9.24 -17.43 4.73
C THR A 292 -8.70 -17.68 6.13
N GLN A 293 -7.97 -16.72 6.70
CA GLN A 293 -7.30 -16.96 7.98
C GLN A 293 -8.27 -17.31 9.11
N HIS A 294 -9.54 -16.91 9.00
CA HIS A 294 -10.49 -17.21 10.06
C HIS A 294 -11.27 -18.49 9.82
N LEU A 295 -10.89 -19.25 8.80
CA LEU A 295 -11.40 -20.59 8.58
C LEU A 295 -10.35 -21.61 8.98
N GLY A 296 -10.81 -22.80 9.37
CA GLY A 296 -9.90 -23.92 9.53
C GLY A 296 -9.30 -24.34 8.20
N GLU A 297 -8.18 -25.06 8.27
CA GLU A 297 -7.43 -25.45 7.07
C GLU A 297 -8.34 -26.04 6.00
N GLU A 298 -9.02 -27.15 6.32
CA GLU A 298 -9.89 -27.79 5.32
C GLU A 298 -11.12 -26.95 5.04
N GLU A 299 -11.62 -26.22 6.04
CA GLU A 299 -12.70 -25.27 5.78
C GLU A 299 -12.29 -24.29 4.70
N ALA A 300 -11.06 -23.76 4.78
CA ALA A 300 -10.57 -22.83 3.77
C ALA A 300 -10.49 -23.49 2.41
N VAL A 301 -9.89 -24.68 2.36
CA VAL A 301 -9.76 -25.37 1.07
C VAL A 301 -11.15 -25.62 0.48
N ALA A 302 -12.10 -26.02 1.31
CA ALA A 302 -13.46 -26.24 0.82
C ALA A 302 -14.10 -24.95 0.34
N TYR A 303 -13.95 -23.87 1.11
CA TYR A 303 -14.53 -22.59 0.69
C TYR A 303 -13.96 -22.14 -0.65
N LEU A 304 -12.64 -22.19 -0.79
CA LEU A 304 -12.01 -21.73 -2.03
C LEU A 304 -12.47 -22.54 -3.23
N LYS A 305 -12.63 -23.86 -3.04
CA LYS A 305 -13.02 -24.72 -4.15
C LYS A 305 -14.41 -24.36 -4.67
N GLU A 306 -15.37 -24.17 -3.76
CA GLU A 306 -16.73 -23.88 -4.24
C GLU A 306 -16.84 -22.46 -4.79
N VAL A 307 -16.03 -21.52 -4.29
CA VAL A 307 -15.97 -20.20 -4.91
C VAL A 307 -15.47 -20.31 -6.34
N GLU A 308 -14.40 -21.09 -6.55
CA GLU A 308 -13.83 -21.22 -7.88
C GLU A 308 -14.81 -21.89 -8.84
N GLY A 309 -15.52 -22.92 -8.38
CA GLY A 309 -16.47 -23.58 -9.24
C GLY A 309 -17.67 -22.71 -9.56
N ARG A 310 -18.05 -21.85 -8.62
CA ARG A 310 -19.25 -21.03 -8.80
C ARG A 310 -18.97 -19.80 -9.66
N MET A 311 -17.86 -19.11 -9.40
CA MET A 311 -17.52 -17.92 -10.19
C MET A 311 -16.78 -18.24 -11.47
N GLY A 312 -16.29 -19.48 -11.63
CA GLY A 312 -15.50 -19.83 -12.80
C GLY A 312 -14.23 -19.03 -12.92
N LEU A 313 -13.56 -18.76 -11.82
CA LEU A 313 -12.32 -18.00 -11.76
C LEU A 313 -11.41 -18.64 -10.73
N PRO A 314 -10.09 -18.57 -10.91
CA PRO A 314 -9.18 -19.04 -9.85
C PRO A 314 -9.40 -18.26 -8.57
N ALA A 315 -9.55 -18.99 -7.46
CA ALA A 315 -9.73 -18.41 -6.14
C ALA A 315 -8.68 -19.01 -5.23
N VAL A 316 -7.81 -18.16 -4.68
CA VAL A 316 -6.76 -18.63 -3.79
C VAL A 316 -6.75 -17.78 -2.53
N ASP A 317 -6.11 -18.31 -1.50
CA ASP A 317 -5.66 -17.48 -0.41
C ASP A 317 -4.16 -17.30 -0.59
N PRO A 318 -3.70 -16.10 -0.99
CA PRO A 318 -2.27 -15.96 -1.33
C PRO A 318 -1.36 -16.15 -0.15
N TYR A 319 -1.84 -15.94 1.08
CA TYR A 319 -0.98 -16.20 2.22
C TYR A 319 -0.79 -17.68 2.46
N ARG A 320 -1.79 -18.50 2.12
CA ARG A 320 -1.68 -19.93 2.33
C ARG A 320 -0.82 -20.60 1.25
N HIS A 321 -0.83 -20.05 0.02
CA HIS A 321 -0.12 -20.74 -1.05
C HIS A 321 0.52 -19.82 -2.10
N GLY A 322 0.63 -18.51 -1.85
CA GLY A 322 1.28 -17.64 -2.82
C GLY A 322 0.34 -17.17 -3.91
N ALA A 323 0.85 -16.25 -4.73
CA ALA A 323 0.05 -15.55 -5.72
C ALA A 323 0.18 -16.14 -7.11
N GLY A 324 0.79 -17.33 -7.23
CA GLY A 324 1.17 -17.82 -8.55
C GLY A 324 0.00 -18.03 -9.48
N ARG A 325 -1.14 -18.52 -8.94
CA ARG A 325 -2.31 -18.71 -9.79
C ARG A 325 -2.95 -17.39 -10.19
N LEU A 326 -2.82 -16.35 -9.37
CA LEU A 326 -3.28 -15.03 -9.79
C LEU A 326 -2.38 -14.47 -10.87
N VAL A 327 -1.07 -14.67 -10.75
CA VAL A 327 -0.13 -14.20 -11.76
C VAL A 327 -0.32 -14.96 -13.07
N ASP A 328 -0.52 -16.28 -13.00
CA ASP A 328 -0.88 -17.03 -14.20
C ASP A 328 -2.08 -16.43 -14.92
N ALA A 329 -3.09 -16.00 -14.15
CA ALA A 329 -4.29 -15.45 -14.75
C ALA A 329 -4.03 -14.14 -15.49
N LEU A 330 -2.97 -13.42 -15.13
CA LEU A 330 -2.63 -12.19 -15.84
C LEU A 330 -2.08 -12.47 -17.24
N ALA A 331 -1.56 -13.68 -17.48
CA ALA A 331 -0.91 -13.96 -18.76
C ALA A 331 -1.90 -13.90 -19.93
N ALA A 332 -3.16 -14.23 -19.70
CA ALA A 332 -4.22 -14.02 -20.70
C ALA A 332 -4.83 -12.62 -20.63
#